data_5NWG
#
_entry.id   5NWG
#
_cell.length_a   90.690
_cell.length_b   98.410
_cell.length_c   119.930
_cell.angle_alpha   90.00
_cell.angle_beta   90.00
_cell.angle_gamma   90.00
#
_symmetry.space_group_name_H-M   'C 2 2 21'
#
loop_
_entity.id
_entity.type
_entity.pdbx_description
1 polymer Tankyrase-2
2 polymer Tankyrase-2
3 non-polymer 'SULFATE ION'
4 non-polymer 'ZINC ION'
5 non-polymer 7-chloranyl-2-[4-[2-hydroxyethyl(methyl)amino]phenyl]-3~{H}-quinazolin-4-one
6 non-polymer GLYCEROL
7 water water
#
loop_
_entity_poly.entity_id
_entity_poly.type
_entity_poly.pdbx_seq_one_letter_code
_entity_poly.pdbx_strand_id
1 'polypeptide(L)'
;MHHHHHHSSGVDLGTENLYFQSMLNTSGSGTILIDLSPDDKEFQSVEEEMQSTVREHRDGGHAGGIFNRYNILKIQKVCN
KKLWERYTHRRKEVSEENHNHANERMLFHGSPFVNAIIHKGFDERHAYIGGMFGAGIYFAENSSKSNQYVYGIGGGTGCP
VHKDRSCYICHRQLLFCRVTLGKSFLQFSAM
;
A,B
2 'polypeptide(L)' KMAHSPPGHHSVTGRPSVNGLALAEYVIYRGEQAYPEYLITYQIMRPEG H,I
#
loop_
_chem_comp.id
_chem_comp.type
_chem_comp.name
_chem_comp.formula
9CB non-polymer 7-chloranyl-2-[4-[2-hydroxyethyl(methyl)amino]phenyl]-3~{H}-quinazolin-4-one 'C17 H16 Cl N3 O2'
GOL non-polymer GLYCEROL 'C3 H8 O3'
SO4 non-polymer 'SULFATE ION' 'O4 S -2'
ZN non-polymer 'ZINC ION' 'Zn 2'
#
# COMPACT_ATOMS: atom_id res chain seq x y z
N GLY A 30 -21.19 2.43 30.50
CA GLY A 30 -21.91 1.16 30.79
C GLY A 30 -21.22 -0.13 30.37
N THR A 31 -19.90 -0.07 30.15
CA THR A 31 -19.16 -1.26 29.71
C THR A 31 -18.61 -2.03 30.89
N ILE A 32 -18.82 -3.35 30.89
N ILE A 32 -18.77 -3.36 30.78
CA ILE A 32 -18.06 -4.22 31.79
CA ILE A 32 -18.26 -4.36 31.72
C ILE A 32 -17.29 -5.21 30.93
C ILE A 32 -17.32 -5.28 30.91
N LEU A 33 -16.16 -5.63 31.47
CA LEU A 33 -15.24 -6.56 30.85
C LEU A 33 -15.24 -7.85 31.64
N ILE A 34 -15.59 -8.96 30.99
CA ILE A 34 -15.63 -10.27 31.64
C ILE A 34 -14.43 -11.08 31.15
N ASP A 35 -13.57 -11.47 32.07
CA ASP A 35 -12.40 -12.25 31.75
CA ASP A 35 -12.39 -12.29 31.76
C ASP A 35 -12.84 -13.68 31.35
N LEU A 36 -12.29 -14.17 30.26
CA LEU A 36 -12.51 -15.55 29.84
C LEU A 36 -11.39 -16.42 30.38
N SER A 37 -11.76 -17.58 30.90
CA SER A 37 -10.78 -18.58 31.32
C SER A 37 -10.06 -19.19 30.10
N PRO A 38 -8.75 -19.45 30.20
CA PRO A 38 -8.11 -20.18 29.09
C PRO A 38 -8.66 -21.58 28.81
N ASP A 39 -9.40 -22.16 29.78
CA ASP A 39 -10.07 -23.45 29.63
CA ASP A 39 -10.02 -23.47 29.52
C ASP A 39 -11.41 -23.36 28.88
N ASP A 40 -11.87 -22.13 28.62
CA ASP A 40 -13.17 -21.89 27.97
C ASP A 40 -13.00 -22.03 26.47
N LYS A 41 -13.88 -22.79 25.82
CA LYS A 41 -13.85 -22.96 24.37
C LYS A 41 -13.86 -21.61 23.62
N GLU A 42 -14.52 -20.62 24.19
CA GLU A 42 -14.59 -19.28 23.61
C GLU A 42 -13.23 -18.56 23.59
N PHE A 43 -12.50 -18.67 24.71
CA PHE A 43 -11.11 -18.18 24.76
C PHE A 43 -10.29 -18.86 23.68
N GLN A 44 -10.43 -20.18 23.62
CA GLN A 44 -9.62 -20.98 22.73
C GLN A 44 -9.86 -20.66 21.26
N SER A 45 -11.10 -20.44 20.86
CA SER A 45 -11.39 -20.15 19.45
C SER A 45 -10.93 -18.74 19.08
N VAL A 46 -11.05 -17.79 20.01
CA VAL A 46 -10.55 -16.44 19.77
C VAL A 46 -9.01 -16.47 19.67
N GLU A 47 -8.34 -17.15 20.61
CA GLU A 47 -6.89 -17.24 20.54
C GLU A 47 -6.45 -17.88 19.22
N GLU A 48 -7.13 -18.94 18.79
CA GLU A 48 -6.73 -19.61 17.55
C GLU A 48 -6.84 -18.67 16.36
N GLU A 49 -7.89 -17.83 16.31
CA GLU A 49 -8.01 -16.87 15.22
CA GLU A 49 -8.00 -16.87 15.22
C GLU A 49 -6.89 -15.83 15.28
N MET A 50 -6.55 -15.35 16.48
CA MET A 50 -5.42 -14.43 16.66
CA MET A 50 -5.39 -14.45 16.66
C MET A 50 -4.11 -15.06 16.11
N GLN A 51 -3.78 -16.24 16.60
CA GLN A 51 -2.49 -16.88 16.27
C GLN A 51 -2.41 -17.30 14.80
N SER A 52 -3.48 -17.89 14.29
CA SER A 52 -3.44 -18.50 12.96
C SER A 52 -3.47 -17.50 11.82
N THR A 53 -3.78 -16.23 12.12
CA THR A 53 -3.84 -15.20 11.09
C THR A 53 -2.65 -14.26 11.14
N VAL A 54 -1.59 -14.64 11.85
CA VAL A 54 -0.31 -13.94 11.72
C VAL A 54 0.30 -14.26 10.35
N ARG A 55 0.83 -13.24 9.70
CA ARG A 55 1.61 -13.44 8.48
C ARG A 55 2.84 -12.56 8.51
N GLU A 56 3.72 -12.80 7.54
CA GLU A 56 4.83 -11.90 7.29
CA GLU A 56 4.84 -11.91 7.28
C GLU A 56 4.34 -10.65 6.56
N HIS A 57 4.96 -9.51 6.89
CA HIS A 57 4.61 -8.24 6.29
C HIS A 57 5.74 -7.71 5.40
N ARG A 58 5.35 -6.96 4.38
CA ARG A 58 6.27 -6.47 3.34
C ARG A 58 7.27 -5.47 3.88
N ASP A 59 7.00 -4.90 5.06
CA ASP A 59 7.94 -3.99 5.72
C ASP A 59 8.99 -4.69 6.60
N GLY A 60 9.02 -6.03 6.55
CA GLY A 60 9.99 -6.79 7.34
C GLY A 60 9.82 -6.64 8.84
N GLY A 61 8.67 -6.14 9.29
CA GLY A 61 8.42 -5.90 10.70
C GLY A 61 8.55 -4.46 11.14
N HIS A 62 8.82 -3.52 10.20
CA HIS A 62 9.04 -2.12 10.57
C HIS A 62 7.90 -1.55 11.44
N ALA A 63 6.65 -1.72 11.00
CA ALA A 63 5.53 -1.09 11.67
C ALA A 63 5.11 -1.82 12.93
N GLY A 64 4.99 -3.14 12.85
CA GLY A 64 4.39 -3.95 13.90
C GLY A 64 5.34 -4.81 14.73
N GLY A 65 6.60 -4.90 14.29
CA GLY A 65 7.58 -5.75 14.95
C GLY A 65 7.81 -7.08 14.25
N ILE A 66 8.83 -7.77 14.73
CA ILE A 66 9.27 -9.04 14.15
C ILE A 66 8.77 -10.17 15.04
N PHE A 67 7.87 -10.98 14.51
CA PHE A 67 7.27 -12.07 15.27
C PHE A 67 6.49 -13.01 14.35
N ASN A 68 6.35 -14.25 14.80
CA ASN A 68 5.52 -15.27 14.18
C ASN A 68 4.31 -15.67 15.01
N ARG A 69 4.30 -15.29 16.30
CA ARG A 69 3.22 -15.66 17.19
C ARG A 69 3.16 -14.69 18.35
N TYR A 70 2.08 -14.79 19.13
CA TYR A 70 1.84 -13.95 20.28
C TYR A 70 1.87 -14.73 21.57
N ASN A 71 2.16 -14.00 22.65
CA ASN A 71 1.87 -14.49 23.99
C ASN A 71 0.55 -13.84 24.41
N ILE A 72 -0.54 -14.61 24.43
CA ILE A 72 -1.82 -14.07 24.86
C ILE A 72 -1.85 -14.00 26.37
N LEU A 73 -2.14 -12.80 26.87
CA LEU A 73 -2.13 -12.55 28.31
C LEU A 73 -3.54 -12.56 28.90
N LYS A 74 -4.51 -12.06 28.15
CA LYS A 74 -5.90 -11.98 28.64
C LYS A 74 -6.82 -11.83 27.43
N ILE A 75 -8.00 -12.45 27.51
CA ILE A 75 -9.10 -12.19 26.58
C ILE A 75 -10.34 -11.87 27.42
N GLN A 76 -10.87 -10.67 27.18
CA GLN A 76 -12.05 -10.20 27.90
C GLN A 76 -13.21 -9.97 26.93
N LYS A 77 -14.40 -10.42 27.34
CA LYS A 77 -15.61 -10.14 26.59
CA LYS A 77 -15.62 -10.12 26.59
C LYS A 77 -16.07 -8.73 26.97
N VAL A 78 -16.42 -7.93 25.96
CA VAL A 78 -16.85 -6.56 26.16
C VAL A 78 -18.38 -6.55 26.14
N CYS A 79 -18.97 -6.11 27.24
CA CYS A 79 -20.42 -6.09 27.39
CA CYS A 79 -20.44 -6.11 27.41
C CYS A 79 -20.91 -4.67 27.62
N ASN A 80 -21.71 -4.16 26.68
CA ASN A 80 -22.31 -2.83 26.82
C ASN A 80 -23.64 -2.90 26.06
N LYS A 81 -24.73 -2.82 26.82
CA LYS A 81 -26.06 -2.99 26.23
C LYS A 81 -26.41 -1.94 25.19
N LYS A 82 -26.14 -0.68 25.50
CA LYS A 82 -26.40 0.44 24.59
C LYS A 82 -25.63 0.28 23.29
N LEU A 83 -24.35 -0.06 23.40
CA LEU A 83 -23.51 -0.20 22.21
C LEU A 83 -23.94 -1.41 21.38
N TRP A 84 -24.35 -2.49 22.06
CA TRP A 84 -24.86 -3.66 21.36
C TRP A 84 -26.15 -3.36 20.60
N GLU A 85 -27.07 -2.65 21.25
CA GLU A 85 -28.33 -2.30 20.59
C GLU A 85 -28.12 -1.35 19.41
N ARG A 86 -27.16 -0.43 19.53
CA ARG A 86 -26.73 0.44 18.41
C ARG A 86 -26.27 -0.41 17.22
N TYR A 87 -25.46 -1.43 17.51
CA TYR A 87 -24.97 -2.35 16.48
C TYR A 87 -26.11 -3.12 15.82
N THR A 88 -26.95 -3.75 16.62
CA THR A 88 -28.00 -4.60 16.07
C THR A 88 -29.06 -3.80 15.31
N HIS A 89 -29.31 -2.55 15.73
CA HIS A 89 -30.23 -1.68 15.01
C HIS A 89 -29.70 -1.39 13.61
N ARG A 90 -28.42 -1.04 13.51
CA ARG A 90 -27.81 -0.81 12.19
C ARG A 90 -27.74 -2.10 11.38
N ARG A 91 -27.44 -3.21 12.04
CA ARG A 91 -27.34 -4.49 11.35
C ARG A 91 -28.66 -4.86 10.65
N LYS A 92 -29.77 -4.62 11.34
CA LYS A 92 -31.09 -4.87 10.78
C LYS A 92 -31.36 -3.94 9.56
N GLU A 93 -30.98 -2.68 9.66
CA GLU A 93 -31.12 -1.75 8.53
C GLU A 93 -30.35 -2.24 7.31
N VAL A 94 -29.11 -2.68 7.51
CA VAL A 94 -28.29 -3.18 6.41
C VAL A 94 -28.88 -4.46 5.84
N SER A 95 -29.23 -5.42 6.71
CA SER A 95 -29.82 -6.70 6.31
CA SER A 95 -29.75 -6.69 6.23
CA SER A 95 -29.80 -6.69 6.28
C SER A 95 -31.03 -6.49 5.41
N GLU A 96 -31.92 -5.60 5.84
CA GLU A 96 -33.14 -5.31 5.07
C GLU A 96 -32.87 -4.66 3.71
N GLU A 97 -31.74 -3.97 3.56
CA GLU A 97 -31.26 -3.43 2.28
C GLU A 97 -30.52 -4.45 1.41
N ASN A 98 -30.31 -5.66 1.92
CA ASN A 98 -29.44 -6.64 1.26
C ASN A 98 -30.03 -8.05 1.41
N HIS A 99 -31.28 -8.23 0.97
CA HIS A 99 -31.98 -9.53 0.99
C HIS A 99 -31.76 -10.35 2.27
N ASN A 100 -31.96 -9.64 3.40
CA ASN A 100 -31.90 -10.25 4.72
CA ASN A 100 -31.90 -10.23 4.73
C ASN A 100 -30.55 -10.89 5.01
N HIS A 101 -29.49 -10.21 4.56
CA HIS A 101 -28.11 -10.69 4.71
C HIS A 101 -27.21 -9.57 5.20
N ALA A 102 -26.86 -9.61 6.48
CA ALA A 102 -25.97 -8.63 7.07
C ALA A 102 -24.54 -8.77 6.58
N ASN A 103 -24.15 -9.97 6.15
CA ASN A 103 -22.75 -10.26 5.74
C ASN A 103 -21.81 -9.90 6.90
N GLU A 104 -22.08 -10.52 8.05
CA GLU A 104 -21.37 -10.25 9.27
C GLU A 104 -20.11 -11.09 9.39
N ARG A 105 -19.03 -10.42 9.76
CA ARG A 105 -17.70 -11.05 9.91
C ARG A 105 -17.16 -10.77 11.30
N MET A 106 -16.18 -11.56 11.70
CA MET A 106 -15.39 -11.29 12.90
C MET A 106 -14.00 -10.88 12.41
N LEU A 107 -13.58 -9.66 12.76
CA LEU A 107 -12.37 -9.04 12.20
C LEU A 107 -11.58 -8.31 13.28
N PHE A 108 -10.28 -8.16 13.07
CA PHE A 108 -9.42 -7.47 14.03
C PHE A 108 -9.38 -5.97 13.79
N HIS A 109 -9.16 -5.22 14.86
CA HIS A 109 -8.94 -3.78 14.83
C HIS A 109 -7.88 -3.41 15.86
N GLY A 110 -6.84 -2.73 15.41
CA GLY A 110 -5.81 -2.18 16.27
C GLY A 110 -5.86 -0.68 16.20
N SER A 111 -5.66 -0.03 17.35
CA SER A 111 -5.76 1.41 17.44
C SER A 111 -5.19 1.89 18.75
N PRO A 112 -4.62 3.10 18.78
CA PRO A 112 -4.28 3.71 20.05
C PRO A 112 -5.50 4.02 20.93
N PHE A 113 -6.71 3.98 20.36
CA PHE A 113 -7.88 4.39 21.15
C PHE A 113 -8.79 3.20 21.49
N VAL A 114 -8.20 2.01 21.60
CA VAL A 114 -8.95 0.80 21.96
CA VAL A 114 -8.98 0.81 21.95
C VAL A 114 -9.75 1.00 23.25
N ASN A 115 -9.15 1.63 24.26
CA ASN A 115 -9.87 1.77 25.52
CA ASN A 115 -9.85 1.86 25.54
C ASN A 115 -11.05 2.78 25.35
N ALA A 116 -10.93 3.77 24.48
CA ALA A 116 -12.08 4.64 24.16
C ALA A 116 -13.21 3.88 23.42
N ILE A 117 -12.83 3.03 22.48
CA ILE A 117 -13.80 2.30 21.67
C ILE A 117 -14.68 1.37 22.54
N ILE A 118 -14.06 0.68 23.49
CA ILE A 118 -14.81 -0.29 24.29
C ILE A 118 -15.84 0.41 25.21
N HIS A 119 -15.61 1.67 25.53
CA HIS A 119 -16.52 2.44 26.40
C HIS A 119 -17.54 3.28 25.65
N LYS A 120 -17.15 3.83 24.51
CA LYS A 120 -17.96 4.80 23.77
CA LYS A 120 -17.96 4.80 23.77
C LYS A 120 -18.42 4.34 22.39
N GLY A 121 -17.86 3.23 21.90
CA GLY A 121 -18.20 2.72 20.58
C GLY A 121 -17.31 3.30 19.49
N PHE A 122 -17.40 2.70 18.31
CA PHE A 122 -16.74 3.23 17.16
C PHE A 122 -17.49 4.47 16.65
N ASP A 123 -16.74 5.46 16.22
CA ASP A 123 -17.28 6.64 15.53
C ASP A 123 -16.18 7.27 14.67
N GLU A 124 -16.51 8.40 14.03
CA GLU A 124 -15.58 9.07 13.12
C GLU A 124 -14.17 9.36 13.64
N ARG A 125 -14.01 9.50 14.96
CA ARG A 125 -12.70 9.74 15.58
CA ARG A 125 -12.68 9.76 15.52
C ARG A 125 -11.77 8.53 15.46
N HIS A 126 -12.34 7.37 15.14
CA HIS A 126 -11.60 6.12 15.01
C HIS A 126 -11.30 5.75 13.57
N ALA A 127 -11.65 6.65 12.65
CA ALA A 127 -11.39 6.48 11.22
C ALA A 127 -9.94 6.76 10.86
N TYR A 128 -9.51 6.10 9.80
CA TYR A 128 -8.20 6.29 9.22
C TYR A 128 -8.44 7.18 8.02
N ILE A 129 -8.24 8.48 8.22
CA ILE A 129 -8.63 9.47 7.23
C ILE A 129 -7.85 9.25 5.94
N GLY A 130 -6.56 8.93 6.06
CA GLY A 130 -5.69 8.72 4.91
C GLY A 130 -5.55 7.31 4.40
N GLY A 131 -6.47 6.40 4.78
CA GLY A 131 -6.38 5.02 4.32
C GLY A 131 -6.61 4.86 2.83
N MET A 132 -6.07 3.78 2.27
CA MET A 132 -6.08 3.54 0.82
CA MET A 132 -6.09 3.65 0.82
C MET A 132 -7.47 3.33 0.22
N PHE A 133 -8.45 2.99 1.05
CA PHE A 133 -9.82 2.78 0.58
C PHE A 133 -10.74 3.91 1.08
N GLY A 134 -10.17 5.09 1.38
CA GLY A 134 -10.94 6.25 1.83
C GLY A 134 -11.02 6.39 3.33
N ALA A 135 -11.61 7.50 3.78
CA ALA A 135 -11.73 7.82 5.21
C ALA A 135 -12.86 7.02 5.85
N GLY A 136 -12.49 5.94 6.52
CA GLY A 136 -13.44 5.08 7.20
C GLY A 136 -12.72 4.32 8.28
N ILE A 137 -13.41 3.37 8.88
CA ILE A 137 -12.86 2.58 9.98
C ILE A 137 -12.43 1.24 9.40
N TYR A 138 -11.15 0.89 9.64
CA TYR A 138 -10.49 -0.23 8.96
C TYR A 138 -10.40 -1.46 9.87
N PHE A 139 -10.60 -2.63 9.27
CA PHE A 139 -10.50 -3.93 9.95
C PHE A 139 -9.69 -4.90 9.10
N ALA A 140 -9.12 -5.91 9.74
CA ALA A 140 -8.28 -6.88 9.04
C ALA A 140 -8.65 -8.29 9.40
N GLU A 141 -8.57 -9.18 8.41
CA GLU A 141 -8.60 -10.62 8.67
C GLU A 141 -7.28 -11.08 9.32
N ASN A 142 -6.15 -10.50 8.93
CA ASN A 142 -4.85 -10.87 9.55
C ASN A 142 -4.69 -10.09 10.87
N SER A 143 -4.61 -10.78 12.00
CA SER A 143 -4.34 -10.11 13.26
C SER A 143 -3.06 -9.27 13.19
N SER A 144 -2.05 -9.78 12.46
CA SER A 144 -0.77 -9.08 12.38
C SER A 144 -0.86 -7.78 11.58
N LYS A 145 -1.85 -7.66 10.68
CA LYS A 145 -2.09 -6.39 10.03
C LYS A 145 -2.60 -5.36 11.04
N SER A 146 -3.61 -5.75 11.83
CA SER A 146 -4.11 -4.82 12.86
C SER A 146 -3.05 -4.48 13.91
N ASN A 147 -2.15 -5.42 14.18
CA ASN A 147 -1.02 -5.18 15.11
C ASN A 147 -0.12 -4.01 14.64
N GLN A 148 -0.06 -3.77 13.32
CA GLN A 148 0.70 -2.64 12.79
C GLN A 148 0.16 -1.25 13.20
N TYR A 149 -1.07 -1.21 13.75
CA TYR A 149 -1.75 0.05 14.07
C TYR A 149 -1.96 0.27 15.57
N VAL A 150 -1.51 -0.66 16.40
CA VAL A 150 -1.66 -0.55 17.85
C VAL A 150 -1.03 0.73 18.40
N TYR A 151 0.14 1.09 17.89
CA TYR A 151 0.84 2.30 18.32
C TYR A 151 0.71 3.48 17.36
N GLY A 152 -0.25 3.40 16.44
CA GLY A 152 -0.52 4.47 15.49
C GLY A 152 -0.29 4.00 14.07
N ILE A 153 -0.55 4.89 13.13
CA ILE A 153 -0.37 4.59 11.71
C ILE A 153 1.10 4.27 11.47
N GLY A 154 1.36 3.18 10.79
CA GLY A 154 2.75 2.75 10.56
C GLY A 154 3.50 2.34 11.83
N GLY A 155 2.76 2.09 12.91
CA GLY A 155 3.37 1.81 14.21
C GLY A 155 3.78 3.04 14.99
N GLY A 156 3.56 4.23 14.42
CA GLY A 156 3.96 5.47 15.07
C GLY A 156 5.41 5.44 15.51
N THR A 157 5.66 5.84 16.75
CA THR A 157 7.00 5.78 17.36
C THR A 157 7.20 4.53 18.22
N GLY A 158 6.29 3.55 18.11
CA GLY A 158 6.37 2.33 18.90
C GLY A 158 5.78 2.51 20.28
N CYS A 159 6.16 1.61 21.19
CA CYS A 159 5.56 1.60 22.53
C CYS A 159 5.90 2.90 23.28
N PRO A 160 5.00 3.36 24.16
CA PRO A 160 5.27 4.59 24.89
C PRO A 160 6.51 4.55 25.79
N VAL A 161 6.80 3.38 26.35
CA VAL A 161 7.87 3.25 27.34
C VAL A 161 9.26 3.22 26.68
N HIS A 162 9.40 2.40 25.62
CA HIS A 162 10.75 2.18 25.04
C HIS A 162 10.89 2.74 23.63
N LYS A 163 9.83 3.34 23.06
CA LYS A 163 9.86 3.85 21.69
C LYS A 163 10.31 2.78 20.66
N ASP A 164 9.77 1.58 20.81
CA ASP A 164 10.17 0.40 20.03
C ASP A 164 8.95 -0.21 19.38
N ARG A 165 8.86 -0.12 18.05
CA ARG A 165 7.74 -0.73 17.32
C ARG A 165 7.77 -2.26 17.41
N SER A 166 8.95 -2.82 17.72
CA SER A 166 9.09 -4.26 17.93
C SER A 166 9.23 -4.65 19.40
N CYS A 167 8.64 -3.87 20.31
CA CYS A 167 8.79 -4.19 21.73
C CYS A 167 8.20 -5.55 22.06
N TYR A 168 8.99 -6.36 22.76
CA TYR A 168 8.59 -7.67 23.25
C TYR A 168 8.16 -7.64 24.73
N ILE A 169 8.28 -6.48 25.37
CA ILE A 169 7.99 -6.31 26.79
C ILE A 169 6.60 -5.72 26.98
N CYS A 170 6.31 -4.62 26.29
CA CYS A 170 5.07 -3.89 26.54
C CYS A 170 3.83 -4.66 26.09
N HIS A 171 2.79 -4.56 26.89
CA HIS A 171 1.49 -5.14 26.59
C HIS A 171 0.80 -4.36 25.49
N ARG A 172 0.26 -5.11 24.53
CA ARG A 172 -0.51 -4.57 23.42
C ARG A 172 -1.93 -5.04 23.57
N GLN A 173 -2.86 -4.32 22.93
CA GLN A 173 -4.24 -4.78 22.86
C GLN A 173 -4.80 -4.67 21.45
N LEU A 174 -5.55 -5.70 21.04
CA LEU A 174 -6.38 -5.67 19.84
C LEU A 174 -7.82 -5.91 20.19
N LEU A 175 -8.71 -5.44 19.32
CA LEU A 175 -10.11 -5.78 19.39
C LEU A 175 -10.44 -6.82 18.33
N PHE A 176 -11.25 -7.81 18.70
CA PHE A 176 -11.81 -8.77 17.76
C PHE A 176 -13.29 -8.44 17.71
N CYS A 177 -13.70 -7.94 16.56
CA CYS A 177 -14.95 -7.21 16.40
C CYS A 177 -15.93 -7.90 15.49
N ARG A 178 -17.21 -7.74 15.81
CA ARG A 178 -18.30 -8.17 14.95
C ARG A 178 -18.62 -7.02 14.02
N VAL A 179 -18.50 -7.26 12.72
CA VAL A 179 -18.62 -6.21 11.70
C VAL A 179 -19.64 -6.58 10.63
N THR A 180 -20.56 -5.64 10.38
CA THR A 180 -21.58 -5.79 9.33
C THR A 180 -21.02 -5.21 8.04
N LEU A 181 -20.83 -6.05 7.02
CA LEU A 181 -20.33 -5.57 5.71
C LEU A 181 -21.43 -5.24 4.72
N GLY A 182 -22.61 -5.84 4.89
CA GLY A 182 -23.66 -5.73 3.87
C GLY A 182 -23.12 -6.02 2.47
N LYS A 183 -23.59 -5.24 1.50
CA LYS A 183 -23.09 -5.29 0.13
C LYS A 183 -21.77 -4.54 0.09
N SER A 184 -20.69 -5.29 -0.14
CA SER A 184 -19.36 -4.73 -0.04
C SER A 184 -18.76 -4.47 -1.42
N PHE A 185 -18.22 -3.27 -1.60
CA PHE A 185 -17.56 -2.91 -2.85
C PHE A 185 -16.19 -3.57 -2.92
N LEU A 186 -15.95 -4.37 -3.96
CA LEU A 186 -14.69 -5.09 -4.13
CA LEU A 186 -14.69 -5.09 -4.12
C LEU A 186 -13.65 -4.22 -4.81
N GLN A 187 -12.59 -3.88 -4.08
CA GLN A 187 -11.46 -3.13 -4.60
C GLN A 187 -10.28 -4.08 -4.70
N PHE A 188 -9.80 -4.30 -5.91
CA PHE A 188 -8.65 -5.16 -6.10
C PHE A 188 -7.38 -4.40 -5.75
N SER A 189 -6.40 -5.17 -5.30
N SER A 189 -6.37 -5.16 -5.32
CA SER A 189 -5.06 -4.71 -4.96
CA SER A 189 -5.01 -4.67 -5.06
C SER A 189 -4.23 -4.39 -6.20
C SER A 189 -5.02 -3.41 -4.17
N MET B 2 -15.83 11.23 8.26
CA MET B 2 -15.68 10.07 7.39
C MET B 2 -16.30 10.26 6.01
N ALA B 3 -15.79 9.49 5.06
CA ALA B 3 -16.35 9.40 3.72
C ALA B 3 -17.66 8.62 3.76
N HIS B 4 -18.34 8.56 2.63
CA HIS B 4 -19.53 7.73 2.45
C HIS B 4 -19.10 6.42 1.80
N SER B 5 -19.87 5.35 2.04
CA SER B 5 -19.74 4.11 1.29
C SER B 5 -19.96 4.39 -0.20
N PRO B 6 -19.36 3.58 -1.09
CA PRO B 6 -19.75 3.71 -2.50
C PRO B 6 -21.26 3.54 -2.66
N PRO B 7 -21.90 4.37 -3.51
CA PRO B 7 -23.33 4.25 -3.69
C PRO B 7 -23.77 2.80 -3.92
N GLY B 8 -24.83 2.39 -3.22
CA GLY B 8 -25.36 1.03 -3.32
C GLY B 8 -24.59 0.01 -2.50
N HIS B 9 -23.63 0.46 -1.68
CA HIS B 9 -22.77 -0.44 -0.89
C HIS B 9 -22.71 0.02 0.58
N HIS B 10 -22.39 -0.93 1.46
CA HIS B 10 -22.31 -0.70 2.90
C HIS B 10 -20.90 -0.77 3.48
N SER B 11 -19.92 -1.14 2.65
CA SER B 11 -18.53 -1.28 3.06
C SER B 11 -17.67 -1.43 1.82
N VAL B 12 -16.36 -1.45 2.04
CA VAL B 12 -15.38 -1.75 0.99
C VAL B 12 -14.55 -2.94 1.44
N THR B 13 -14.25 -3.84 0.50
CA THR B 13 -13.34 -4.94 0.68
C THR B 13 -12.07 -4.64 -0.11
N GLY B 14 -10.93 -4.62 0.58
CA GLY B 14 -9.62 -4.54 -0.09
C GLY B 14 -9.09 -5.93 -0.31
N ARG B 15 -9.14 -6.37 -1.58
N ARG B 15 -9.21 -6.44 -1.52
CA ARG B 15 -8.59 -7.65 -2.02
CA ARG B 15 -8.88 -7.82 -1.82
C ARG B 15 -7.15 -7.47 -2.55
C ARG B 15 -7.39 -7.99 -1.89
N PRO B 16 -6.18 -8.07 -1.87
N PRO B 16 -6.85 -9.10 -1.38
CA PRO B 16 -4.82 -8.03 -2.34
CA PRO B 16 -5.42 -9.34 -1.51
C PRO B 16 -4.68 -8.71 -3.71
C PRO B 16 -5.04 -9.72 -2.97
N SER B 17 -3.86 -8.13 -4.57
N SER B 17 -3.84 -9.39 -3.44
CA SER B 17 -3.58 -8.73 -5.87
CA SER B 17 -3.58 -9.46 -4.91
C SER B 17 -2.11 -9.06 -6.13
C SER B 17 -2.13 -9.71 -5.42
N VAL B 18 -1.21 -8.78 -5.16
CA VAL B 18 0.21 -9.08 -5.37
C VAL B 18 0.64 -10.16 -4.39
N ASN B 19 0.47 -9.88 -3.09
CA ASN B 19 0.79 -10.82 -2.02
C ASN B 19 -0.30 -11.86 -1.94
N GLY B 20 0.03 -12.97 -2.63
CA GLY B 20 -0.72 -14.18 -2.55
C GLY B 20 -1.01 -14.69 -1.15
N LEU B 21 -0.24 -14.33 -0.10
CA LEU B 21 -0.60 -14.82 1.26
C LEU B 21 -1.42 -13.89 2.14
N ALA B 22 -1.60 -12.64 1.74
CA ALA B 22 -2.33 -11.68 2.57
C ALA B 22 -3.82 -11.99 2.56
N LEU B 23 -4.48 -11.76 3.70
CA LEU B 23 -5.92 -11.82 3.80
C LEU B 23 -6.51 -10.43 3.53
N ALA B 24 -7.83 -10.38 3.38
CA ALA B 24 -8.53 -9.16 3.05
C ALA B 24 -8.55 -8.16 4.18
N GLU B 25 -8.76 -6.91 3.78
CA GLU B 25 -8.95 -5.79 4.68
C GLU B 25 -10.31 -5.20 4.34
N TYR B 26 -10.94 -4.55 5.32
CA TYR B 26 -12.32 -4.04 5.16
C TYR B 26 -12.46 -2.66 5.74
N VAL B 27 -13.35 -1.86 5.15
CA VAL B 27 -13.63 -0.52 5.64
C VAL B 27 -15.13 -0.34 5.75
N ILE B 28 -15.55 0.19 6.89
CA ILE B 28 -16.91 0.67 7.09
C ILE B 28 -16.89 2.17 7.29
N TYR B 29 -18.03 2.81 7.01
CA TYR B 29 -18.14 4.27 7.03
CA TYR B 29 -18.13 4.28 7.06
C TYR B 29 -19.17 4.74 8.06
N ARG B 30 -19.68 3.82 8.86
CA ARG B 30 -20.59 4.08 9.97
C ARG B 30 -20.08 3.30 11.16
N GLY B 31 -19.81 3.99 12.28
CA GLY B 31 -19.32 3.29 13.46
C GLY B 31 -20.28 2.28 14.05
N GLU B 32 -21.57 2.47 13.78
CA GLU B 32 -22.61 1.55 14.23
C GLU B 32 -22.54 0.18 13.58
N GLN B 33 -21.72 0.04 12.52
CA GLN B 33 -21.55 -1.27 11.83
C GLN B 33 -20.48 -2.18 12.41
N ALA B 34 -19.95 -1.84 13.59
CA ALA B 34 -19.03 -2.73 14.29
C ALA B 34 -19.28 -2.69 15.79
N TYR B 35 -19.09 -3.85 16.40
CA TYR B 35 -19.18 -3.98 17.85
C TYR B 35 -17.89 -4.65 18.35
N PRO B 36 -17.23 -4.03 19.35
CA PRO B 36 -15.96 -4.59 19.84
C PRO B 36 -16.21 -5.74 20.82
N GLU B 37 -16.35 -6.97 20.31
N GLU B 37 -16.25 -6.95 20.31
CA GLU B 37 -16.76 -8.13 21.15
CA GLU B 37 -16.74 -8.12 21.03
C GLU B 37 -15.70 -8.54 22.16
C GLU B 37 -15.73 -8.64 22.07
N TYR B 38 -14.44 -8.62 21.72
CA TYR B 38 -13.36 -9.10 22.58
C TYR B 38 -12.20 -8.12 22.61
N LEU B 39 -11.65 -7.94 23.80
CA LEU B 39 -10.43 -7.16 24.04
C LEU B 39 -9.34 -8.19 24.37
N ILE B 40 -8.34 -8.24 23.51
CA ILE B 40 -7.23 -9.21 23.61
C ILE B 40 -5.97 -8.48 24.03
N THR B 41 -5.40 -8.90 25.16
CA THR B 41 -4.16 -8.32 25.67
C THR B 41 -3.04 -9.33 25.42
N TYR B 42 -1.93 -8.86 24.87
CA TYR B 42 -0.89 -9.76 24.37
C TYR B 42 0.46 -9.07 24.26
N GLN B 43 1.48 -9.92 24.13
CA GLN B 43 2.79 -9.48 23.67
C GLN B 43 3.13 -10.18 22.37
N ILE B 44 3.86 -9.49 21.51
CA ILE B 44 4.49 -10.20 20.38
C ILE B 44 5.67 -10.99 20.93
N MET B 45 5.95 -12.14 20.33
CA MET B 45 7.05 -13.01 20.78
C MET B 45 8.26 -12.93 19.87
N ARG B 46 9.45 -12.77 20.47
CA ARG B 46 10.69 -12.78 19.71
C ARG B 46 10.92 -14.17 19.12
N PRO B 47 11.14 -14.27 17.79
CA PRO B 47 11.39 -15.60 17.21
C PRO B 47 12.64 -16.27 17.77
N GLU B 48 12.60 -17.59 17.91
CA GLU B 48 13.77 -18.36 18.41
C GLU B 48 14.84 -18.51 17.34
N GLY C 30 15.25 -10.24 -0.62
CA GLY C 30 15.68 -9.38 0.53
C GLY C 30 15.18 -7.95 0.50
N THR C 31 14.05 -7.71 -0.17
CA THR C 31 13.44 -6.39 -0.24
C THR C 31 12.46 -6.14 0.90
N ILE C 32 12.61 -4.97 1.52
CA ILE C 32 11.60 -4.47 2.46
CA ILE C 32 11.72 -4.40 2.53
C ILE C 32 11.06 -3.14 1.94
N LEU C 33 9.76 -2.93 2.20
CA LEU C 33 9.05 -1.73 1.77
C LEU C 33 8.63 -0.95 3.01
N ILE C 34 9.10 0.29 3.13
CA ILE C 34 8.79 1.11 4.33
C ILE C 34 7.85 2.20 3.90
N ASP C 35 6.67 2.22 4.54
CA ASP C 35 5.69 3.24 4.21
C ASP C 35 6.14 4.59 4.72
N LEU C 36 5.96 5.61 3.87
CA LEU C 36 6.21 6.97 4.25
C LEU C 36 4.91 7.64 4.67
N SER C 37 4.95 8.39 5.77
CA SER C 37 3.80 9.15 6.23
C SER C 37 3.51 10.31 5.29
N PRO C 38 2.24 10.59 4.99
CA PRO C 38 1.94 11.83 4.23
C PRO C 38 2.38 13.13 4.92
N ASP C 39 2.60 13.09 6.24
CA ASP C 39 3.12 14.24 7.00
C ASP C 39 4.63 14.51 6.85
N ASP C 40 5.34 13.57 6.23
CA ASP C 40 6.80 13.53 6.03
C ASP C 40 7.14 14.34 4.76
N LYS C 41 8.15 15.20 4.86
CA LYS C 41 8.61 15.99 3.70
CA LYS C 41 8.60 16.00 3.70
C LYS C 41 9.01 15.11 2.52
N GLU C 42 9.54 13.92 2.82
CA GLU C 42 9.94 12.98 1.75
C GLU C 42 8.73 12.52 0.91
N PHE C 43 7.66 12.10 1.58
CA PHE C 43 6.42 11.76 0.88
C PHE C 43 5.94 12.94 0.04
N GLN C 44 5.94 14.13 0.66
CA GLN C 44 5.41 15.33 -0.01
C GLN C 44 6.21 15.70 -1.25
N SER C 45 7.53 15.50 -1.18
CA SER C 45 8.41 15.77 -2.31
C SER C 45 8.14 14.82 -3.48
N VAL C 46 8.01 13.53 -3.17
CA VAL C 46 7.73 12.53 -4.21
C VAL C 46 6.35 12.78 -4.82
N GLU C 47 5.35 13.06 -3.98
CA GLU C 47 4.04 13.40 -4.53
C GLU C 47 4.13 14.62 -5.45
N GLU C 48 4.85 15.66 -5.05
CA GLU C 48 4.92 16.87 -5.88
C GLU C 48 5.61 16.57 -7.22
N GLU C 49 6.62 15.70 -7.22
CA GLU C 49 7.27 15.33 -8.48
CA GLU C 49 7.29 15.27 -8.46
C GLU C 49 6.29 14.56 -9.38
N MET C 50 5.48 13.68 -8.80
CA MET C 50 4.39 13.03 -9.56
C MET C 50 3.43 14.03 -10.18
N GLN C 51 2.84 14.88 -9.33
CA GLN C 51 1.78 15.76 -9.78
C GLN C 51 2.26 16.82 -10.77
N SER C 52 3.45 17.37 -10.51
CA SER C 52 3.94 18.52 -11.28
C SER C 52 4.45 18.12 -12.65
N THR C 53 4.64 16.82 -12.88
CA THR C 53 5.10 16.33 -14.17
C THR C 53 4.05 15.58 -14.97
N VAL C 54 2.77 15.75 -14.60
CA VAL C 54 1.68 15.33 -15.49
C VAL C 54 1.66 16.33 -16.66
N ARG C 55 1.47 15.78 -17.85
CA ARG C 55 1.21 16.61 -19.03
C ARG C 55 0.10 15.98 -19.85
N GLU C 56 -0.37 16.74 -20.86
CA GLU C 56 -1.24 16.19 -21.87
C GLU C 56 -0.44 15.32 -22.83
N HIS C 57 -1.07 14.27 -23.33
CA HIS C 57 -0.48 13.36 -24.28
C HIS C 57 -1.20 13.42 -25.60
N ARG C 58 -0.42 13.24 -26.67
CA ARG C 58 -0.97 13.52 -27.99
CA ARG C 58 -0.89 13.44 -28.05
C ARG C 58 -1.89 12.38 -28.49
N ASP C 59 -1.96 11.28 -27.72
CA ASP C 59 -2.97 10.27 -27.95
C ASP C 59 -4.33 10.56 -27.32
N GLY C 60 -4.50 11.75 -26.75
CA GLY C 60 -5.77 12.12 -26.14
C GLY C 60 -6.15 11.31 -24.91
N GLY C 61 -5.18 10.61 -24.32
CA GLY C 61 -5.41 9.71 -23.20
C GLY C 61 -5.60 8.24 -23.56
N HIS C 62 -5.43 7.88 -24.83
CA HIS C 62 -5.64 6.49 -25.25
C HIS C 62 -4.88 5.47 -24.39
N ALA C 63 -3.58 5.69 -24.24
CA ALA C 63 -2.73 4.71 -23.57
C ALA C 63 -2.87 4.75 -22.06
N GLY C 64 -2.82 5.96 -21.47
CA GLY C 64 -2.70 6.12 -20.03
C GLY C 64 -3.94 6.61 -19.31
N GLY C 65 -4.94 7.05 -20.07
CA GLY C 65 -6.18 7.59 -19.49
C GLY C 65 -6.24 9.10 -19.54
N ILE C 66 -7.42 9.63 -19.23
CA ILE C 66 -7.69 11.05 -19.25
C ILE C 66 -7.65 11.56 -17.80
N PHE C 67 -6.66 12.41 -17.52
CA PHE C 67 -6.48 12.95 -16.18
C PHE C 67 -5.51 14.12 -16.19
N ASN C 68 -5.65 15.01 -15.20
CA ASN C 68 -4.72 16.12 -14.97
C ASN C 68 -3.91 15.94 -13.69
N ARG C 69 -4.34 15.02 -12.81
CA ARG C 69 -3.68 14.80 -11.53
C ARG C 69 -3.99 13.40 -11.02
N TYR C 70 -3.25 12.99 -10.00
CA TYR C 70 -3.41 11.70 -9.34
C TYR C 70 -3.97 11.84 -7.95
N ASN C 71 -4.55 10.74 -7.48
CA ASN C 71 -4.81 10.49 -6.06
C ASN C 71 -3.73 9.56 -5.57
N ILE C 72 -2.78 10.08 -4.80
CA ILE C 72 -1.68 9.26 -4.28
C ILE C 72 -2.22 8.51 -3.08
N LEU C 73 -2.09 7.19 -3.13
CA LEU C 73 -2.60 6.33 -2.07
C LEU C 73 -1.53 5.90 -1.07
N LYS C 74 -0.31 5.65 -1.56
CA LYS C 74 0.78 5.15 -0.71
C LYS C 74 2.09 5.46 -1.41
N ILE C 75 3.12 5.80 -0.61
CA ILE C 75 4.48 5.89 -1.15
C ILE C 75 5.36 5.09 -0.18
N GLN C 76 6.05 4.09 -0.74
CA GLN C 76 6.92 3.23 0.04
C GLN C 76 8.37 3.37 -0.43
N LYS C 77 9.30 3.42 0.52
CA LYS C 77 10.72 3.34 0.24
CA LYS C 77 10.72 3.33 0.23
C LYS C 77 11.09 1.87 0.04
N VAL C 78 11.82 1.57 -1.03
CA VAL C 78 12.25 0.21 -1.35
C VAL C 78 13.70 0.02 -0.90
N CYS C 79 13.91 -0.97 -0.03
CA CYS C 79 15.21 -1.22 0.58
CA CYS C 79 15.21 -1.23 0.59
C CYS C 79 15.64 -2.65 0.29
N ASN C 80 16.75 -2.80 -0.44
CA ASN C 80 17.35 -4.11 -0.69
C ASN C 80 18.87 -3.89 -0.79
N LYS C 81 19.59 -4.45 0.19
CA LYS C 81 21.03 -4.22 0.30
C LYS C 81 21.81 -4.74 -0.90
N LYS C 82 21.49 -5.96 -1.34
CA LYS C 82 22.16 -6.60 -2.49
C LYS C 82 21.96 -5.78 -3.77
N LEU C 83 20.72 -5.34 -4.00
CA LEU C 83 20.41 -4.55 -5.21
C LEU C 83 21.03 -3.17 -5.14
N TRP C 84 21.07 -2.59 -3.94
CA TRP C 84 21.71 -1.28 -3.75
C TRP C 84 23.23 -1.35 -4.04
N GLU C 85 23.87 -2.38 -3.50
CA GLU C 85 25.30 -2.60 -3.75
C GLU C 85 25.59 -2.87 -5.23
N ARG C 86 24.71 -3.61 -5.90
CA ARG C 86 24.82 -3.83 -7.35
C ARG C 86 24.77 -2.48 -8.09
N TYR C 87 23.85 -1.63 -7.67
CA TYR C 87 23.70 -0.30 -8.26
C TYR C 87 24.92 0.58 -8.02
N THR C 88 25.41 0.64 -6.78
CA THR C 88 26.55 1.53 -6.47
C THR C 88 27.84 1.03 -7.09
N HIS C 89 27.99 -0.28 -7.26
CA HIS C 89 29.17 -0.83 -7.93
C HIS C 89 29.18 -0.40 -9.40
N ARG C 90 28.04 -0.51 -10.07
CA ARG C 90 27.95 -0.02 -11.45
C ARG C 90 28.12 1.50 -11.55
N ARG C 91 27.56 2.22 -10.60
CA ARG C 91 27.64 3.68 -10.59
C ARG C 91 29.07 4.16 -10.51
N LYS C 92 29.87 3.52 -9.66
CA LYS C 92 31.31 3.82 -9.55
C LYS C 92 32.03 3.57 -10.88
N GLU C 93 31.74 2.45 -11.54
CA GLU C 93 32.35 2.14 -12.85
C GLU C 93 32.04 3.24 -13.87
N VAL C 94 30.76 3.59 -13.96
CA VAL C 94 30.30 4.61 -14.92
C VAL C 94 30.90 5.97 -14.59
N SER C 95 30.87 6.35 -13.31
CA SER C 95 31.42 7.63 -12.85
C SER C 95 32.87 7.78 -13.26
N GLU C 96 33.65 6.74 -13.00
CA GLU C 96 35.07 6.77 -13.35
C GLU C 96 35.29 6.88 -14.85
N GLU C 97 34.51 6.12 -15.64
CA GLU C 97 34.57 6.21 -17.11
C GLU C 97 34.18 7.59 -17.63
N ASN C 98 33.29 8.27 -16.92
CA ASN C 98 32.84 9.60 -17.30
C ASN C 98 33.51 10.70 -16.49
N HIS C 99 34.77 10.49 -16.12
CA HIS C 99 35.62 11.52 -15.52
C HIS C 99 35.04 12.06 -14.23
N ASN C 100 34.66 11.09 -13.38
CA ASN C 100 34.13 11.32 -12.05
CA ASN C 100 34.10 11.32 -12.05
C ASN C 100 32.77 12.06 -12.09
N HIS C 101 31.86 11.58 -12.93
CA HIS C 101 30.49 12.15 -13.02
C HIS C 101 29.49 11.03 -13.32
N ALA C 102 28.74 10.62 -12.29
CA ALA C 102 27.71 9.59 -12.48
C ALA C 102 26.53 10.09 -13.32
N ASN C 103 26.27 11.40 -13.25
CA ASN C 103 25.12 12.00 -13.93
C ASN C 103 23.84 11.27 -13.49
N GLU C 104 23.63 11.24 -12.17
CA GLU C 104 22.54 10.50 -11.55
C GLU C 104 21.28 11.33 -11.42
N ARG C 105 20.17 10.72 -11.83
CA ARG C 105 18.86 11.37 -11.88
C ARG C 105 17.85 10.56 -11.07
N MET C 106 16.75 11.23 -10.72
CA MET C 106 15.53 10.54 -10.25
C MET C 106 14.51 10.61 -11.38
N LEU C 107 14.02 9.45 -11.79
CA LEU C 107 13.17 9.32 -12.97
C LEU C 107 12.08 8.28 -12.75
N PHE C 108 10.96 8.43 -13.46
CA PHE C 108 9.84 7.49 -13.35
C PHE C 108 9.99 6.27 -14.24
N HIS C 109 9.42 5.17 -13.81
CA HIS C 109 9.34 3.93 -14.59
C HIS C 109 7.98 3.30 -14.32
N GLY C 110 7.24 3.02 -15.38
CA GLY C 110 5.98 2.27 -15.35
C GLY C 110 6.17 0.95 -16.07
N SER C 111 5.60 -0.13 -15.52
CA SER C 111 5.78 -1.46 -16.11
C SER C 111 4.80 -2.43 -15.49
N PRO C 112 4.30 -3.41 -16.28
CA PRO C 112 3.57 -4.53 -15.69
C PRO C 112 4.40 -5.40 -14.73
N PHE C 113 5.73 -5.25 -14.76
CA PHE C 113 6.62 -6.06 -13.92
C PHE C 113 7.19 -5.32 -12.72
N VAL C 114 6.55 -4.22 -12.31
CA VAL C 114 6.98 -3.45 -11.14
CA VAL C 114 7.01 -3.46 -11.14
C VAL C 114 7.23 -4.34 -9.91
N ASN C 115 6.34 -5.30 -9.68
CA ASN C 115 6.46 -6.20 -8.53
C ASN C 115 7.74 -7.06 -8.63
N ALA C 116 8.08 -7.51 -9.83
CA ALA C 116 9.33 -8.26 -10.04
C ALA C 116 10.57 -7.38 -9.87
N ILE C 117 10.50 -6.15 -10.36
CA ILE C 117 11.65 -5.24 -10.30
C ILE C 117 12.09 -4.93 -8.87
N ILE C 118 11.13 -4.70 -7.98
CA ILE C 118 11.49 -4.34 -6.60
C ILE C 118 12.16 -5.47 -5.83
N HIS C 119 11.89 -6.72 -6.24
CA HIS C 119 12.51 -7.89 -5.60
C HIS C 119 13.77 -8.42 -6.26
N LYS C 120 13.83 -8.34 -7.60
CA LYS C 120 14.93 -8.92 -8.38
CA LYS C 120 14.93 -8.93 -8.38
C LYS C 120 15.86 -7.90 -9.02
N GLY C 121 15.43 -6.64 -9.10
CA GLY C 121 16.18 -5.59 -9.77
C GLY C 121 15.83 -5.51 -11.24
N PHE C 122 16.31 -4.47 -11.88
CA PHE C 122 16.18 -4.32 -13.33
C PHE C 122 17.15 -5.27 -14.06
N ASP C 123 16.69 -5.80 -15.19
CA ASP C 123 17.51 -6.61 -16.09
C ASP C 123 16.88 -6.61 -17.49
N GLU C 124 17.46 -7.37 -18.42
CA GLU C 124 17.00 -7.40 -19.82
CA GLU C 124 17.00 -7.38 -19.83
C GLU C 124 15.51 -7.68 -20.01
N ARG C 125 14.90 -8.43 -19.07
CA ARG C 125 13.46 -8.72 -19.14
C ARG C 125 12.58 -7.46 -19.02
N HIS C 126 13.15 -6.39 -18.49
CA HIS C 126 12.44 -5.13 -18.25
C HIS C 126 12.65 -4.10 -19.33
N ALA C 127 13.38 -4.50 -20.37
CA ALA C 127 13.66 -3.67 -21.54
C ALA C 127 12.47 -3.56 -22.51
N TYR C 128 12.43 -2.41 -23.16
CA TYR C 128 11.46 -2.12 -24.20
C TYR C 128 12.18 -2.34 -25.53
N ILE C 129 11.96 -3.51 -26.11
CA ILE C 129 12.71 -3.93 -27.29
C ILE C 129 12.48 -2.96 -28.46
N GLY C 130 11.24 -2.55 -28.64
CA GLY C 130 10.85 -1.70 -29.77
C GLY C 130 10.83 -0.20 -29.51
N GLY C 131 11.47 0.26 -28.44
CA GLY C 131 11.51 1.69 -28.13
C GLY C 131 12.24 2.51 -29.18
N MET C 132 11.87 3.78 -29.29
CA MET C 132 12.40 4.69 -30.32
C MET C 132 13.91 4.97 -30.22
N PHE C 133 14.49 4.73 -29.04
CA PHE C 133 15.90 5.02 -28.81
C PHE C 133 16.70 3.74 -28.61
N GLY C 134 16.16 2.63 -29.13
CA GLY C 134 16.82 1.33 -29.09
C GLY C 134 16.34 0.46 -27.95
N ALA C 135 16.75 -0.79 -27.99
CA ALA C 135 16.32 -1.78 -27.01
C ALA C 135 17.04 -1.55 -25.69
N GLY C 136 16.32 -1.07 -24.71
CA GLY C 136 16.91 -0.81 -23.40
C GLY C 136 15.79 -0.58 -22.41
N ILE C 137 16.17 -0.14 -21.23
CA ILE C 137 15.20 0.10 -20.15
C ILE C 137 14.92 1.60 -20.13
N TYR C 138 13.64 1.94 -20.23
CA TYR C 138 13.18 3.33 -20.43
C TYR C 138 12.66 3.97 -19.15
N PHE C 139 12.97 5.25 -18.99
CA PHE C 139 12.55 6.08 -17.87
C PHE C 139 12.08 7.43 -18.37
N ALA C 140 11.22 8.10 -17.59
CA ALA C 140 10.65 9.39 -18.00
C ALA C 140 10.76 10.46 -16.95
N GLU C 141 10.95 11.70 -17.38
CA GLU C 141 10.77 12.85 -16.49
C GLU C 141 9.29 13.13 -16.22
N ASN C 142 8.41 12.90 -17.22
CA ASN C 142 6.98 13.06 -17.01
C ASN C 142 6.41 11.81 -16.37
N SER C 143 5.88 11.94 -15.17
CA SER C 143 5.17 10.81 -14.55
C SER C 143 4.06 10.25 -15.46
N SER C 144 3.40 11.13 -16.18
CA SER C 144 2.29 10.70 -17.04
C SER C 144 2.76 9.92 -18.27
N LYS C 145 4.01 10.13 -18.69
CA LYS C 145 4.59 9.27 -19.72
C LYS C 145 4.77 7.84 -19.20
N SER C 146 5.37 7.69 -18.02
CA SER C 146 5.50 6.35 -17.44
C SER C 146 4.15 5.70 -17.15
N ASN C 147 3.15 6.50 -16.80
CA ASN C 147 1.79 5.98 -16.56
C ASN C 147 1.21 5.27 -17.79
N GLN C 148 1.65 5.67 -18.98
CA GLN C 148 1.21 5.02 -20.23
C GLN C 148 1.66 3.55 -20.35
N TYR C 149 2.62 3.13 -19.51
CA TYR C 149 3.21 1.78 -19.59
C TYR C 149 2.85 0.87 -18.42
N VAL C 150 2.08 1.38 -17.46
CA VAL C 150 1.70 0.61 -16.27
C VAL C 150 0.99 -0.70 -16.65
N TYR C 151 0.09 -0.63 -17.64
CA TYR C 151 -0.63 -1.81 -18.08
C TYR C 151 -0.08 -2.46 -19.35
N GLY C 152 1.15 -2.07 -19.74
CA GLY C 152 1.80 -2.61 -20.93
C GLY C 152 2.11 -1.52 -21.93
N ILE C 153 2.78 -1.90 -23.02
CA ILE C 153 3.08 -0.96 -24.08
C ILE C 153 1.76 -0.44 -24.66
N GLY C 154 1.66 0.88 -24.79
CA GLY C 154 0.46 1.53 -25.26
C GLY C 154 -0.73 1.41 -24.33
N GLY C 155 -0.46 1.11 -23.06
CA GLY C 155 -1.51 0.83 -22.08
C GLY C 155 -2.08 -0.57 -22.14
N GLY C 156 -1.59 -1.41 -23.06
CA GLY C 156 -2.14 -2.74 -23.22
C GLY C 156 -3.65 -2.72 -23.39
N THR C 157 -4.33 -3.59 -22.65
CA THR C 157 -5.79 -3.62 -22.61
C THR C 157 -6.33 -2.93 -21.34
N GLY C 158 -5.50 -2.13 -20.67
CA GLY C 158 -5.91 -1.41 -19.48
C GLY C 158 -5.94 -2.29 -18.24
N CYS C 159 -6.69 -1.84 -17.24
CA CYS C 159 -6.70 -2.52 -15.95
C CYS C 159 -7.22 -3.96 -16.10
N PRO C 160 -6.72 -4.89 -15.26
CA PRO C 160 -7.22 -6.28 -15.34
C PRO C 160 -8.71 -6.44 -15.08
N VAL C 161 -9.23 -5.67 -14.14
CA VAL C 161 -10.59 -5.85 -13.66
C VAL C 161 -11.63 -5.36 -14.67
N HIS C 162 -11.39 -4.20 -15.29
CA HIS C 162 -12.39 -3.53 -16.15
C HIS C 162 -11.93 -3.41 -17.62
N LYS C 163 -10.69 -3.80 -17.94
CA LYS C 163 -10.14 -3.65 -19.29
C LYS C 163 -10.27 -2.19 -19.77
N ASP C 164 -9.91 -1.27 -18.88
CA ASP C 164 -10.07 0.17 -19.12
C ASP C 164 -8.73 0.86 -18.92
N ARG C 165 -8.16 1.36 -20.02
CA ARG C 165 -6.91 2.11 -19.93
C ARG C 165 -7.07 3.43 -19.15
N SER C 166 -8.30 3.93 -19.03
CA SER C 166 -8.59 5.13 -18.25
C SER C 166 -9.30 4.81 -16.94
N CYS C 167 -9.09 3.62 -16.40
CA CYS C 167 -9.79 3.26 -15.16
C CYS C 167 -9.46 4.23 -14.04
N TYR C 168 -10.50 4.72 -13.37
CA TYR C 168 -10.36 5.63 -12.21
C TYR C 168 -10.51 4.91 -10.87
N ILE C 169 -10.77 3.60 -10.93
CA ILE C 169 -11.03 2.77 -9.76
C ILE C 169 -9.79 2.00 -9.36
N CYS C 170 -9.21 1.27 -10.30
CA CYS C 170 -8.12 0.37 -10.00
C CYS C 170 -6.84 1.12 -9.62
N HIS C 171 -6.11 0.51 -8.70
CA HIS C 171 -4.87 1.08 -8.19
C HIS C 171 -3.73 0.77 -9.14
N ARG C 172 -2.94 1.80 -9.42
CA ARG C 172 -1.76 1.70 -10.27
C ARG C 172 -0.52 1.87 -9.42
N GLN C 173 0.61 1.39 -9.95
CA GLN C 173 1.91 1.61 -9.32
C GLN C 173 2.92 2.15 -10.32
N LEU C 174 3.71 3.14 -9.88
CA LEU C 174 4.89 3.63 -10.60
C LEU C 174 6.09 3.49 -9.69
N LEU C 175 7.26 3.33 -10.29
CA LEU C 175 8.53 3.46 -9.56
C LEU C 175 9.14 4.82 -9.81
N PHE C 176 9.76 5.38 -8.77
CA PHE C 176 10.57 6.58 -8.91
C PHE C 176 11.97 6.11 -8.55
N CYS C 177 12.85 6.14 -9.55
CA CYS C 177 14.11 5.40 -9.55
C CYS C 177 15.31 6.31 -9.62
N ARG C 178 16.38 5.86 -8.94
CA ARG C 178 17.68 6.49 -9.08
C ARG C 178 18.34 5.84 -10.31
N VAL C 179 18.76 6.67 -11.26
CA VAL C 179 19.27 6.21 -12.55
C VAL C 179 20.62 6.88 -12.86
N THR C 180 21.62 6.06 -13.14
CA THR C 180 22.94 6.54 -13.54
C THR C 180 22.97 6.67 -15.05
N LEU C 181 23.07 7.91 -15.53
CA LEU C 181 23.13 8.16 -16.99
C LEU C 181 24.54 8.17 -17.57
N GLY C 182 25.54 8.47 -16.74
CA GLY C 182 26.91 8.66 -17.24
C GLY C 182 26.97 9.64 -18.40
N LYS C 183 27.81 9.33 -19.37
CA LYS C 183 27.85 10.10 -20.62
CA LYS C 183 27.86 10.09 -20.62
C LYS C 183 26.63 9.72 -21.43
N SER C 184 25.69 10.65 -21.56
CA SER C 184 24.43 10.37 -22.21
C SER C 184 24.43 10.95 -23.62
N PHE C 185 24.02 10.12 -24.57
CA PHE C 185 23.93 10.50 -25.97
C PHE C 185 22.64 11.27 -26.18
N LEU C 186 22.75 12.52 -26.60
CA LEU C 186 21.56 13.33 -26.87
C LEU C 186 20.96 12.99 -28.21
N GLN C 187 19.71 12.52 -28.20
CA GLN C 187 18.94 12.22 -29.41
C GLN C 187 17.68 13.07 -29.40
N PHE C 188 17.62 14.10 -30.23
CA PHE C 188 16.37 14.84 -30.39
C PHE C 188 15.35 13.91 -31.01
N SER C 189 14.10 14.05 -30.55
CA SER C 189 13.00 13.22 -30.99
C SER C 189 12.00 14.08 -31.75
N ALA C 190 11.34 13.46 -32.73
CA ALA C 190 10.30 14.12 -33.51
C ALA C 190 8.96 14.24 -32.77
N MET C 191 8.89 13.72 -31.54
CA MET C 191 7.71 13.83 -30.72
C MET C 191 7.69 15.20 -30.04
N MET D 2 18.69 -7.01 -25.36
CA MET D 2 19.04 -5.59 -25.01
C MET D 2 20.23 -5.09 -25.84
N ALA D 3 20.10 -3.88 -26.37
CA ALA D 3 21.11 -3.25 -27.21
C ALA D 3 22.32 -2.83 -26.39
N HIS D 4 23.34 -2.35 -27.08
CA HIS D 4 24.49 -1.71 -26.45
C HIS D 4 24.26 -0.20 -26.46
N SER D 5 24.87 0.50 -25.51
CA SER D 5 24.91 1.96 -25.52
C SER D 5 25.65 2.47 -26.75
N PRO D 6 25.41 3.74 -27.13
CA PRO D 6 26.20 4.29 -28.23
C PRO D 6 27.68 4.31 -27.83
N PRO D 7 28.61 4.00 -28.76
CA PRO D 7 30.02 3.95 -28.37
C PRO D 7 30.47 5.15 -27.53
N GLY D 8 31.10 4.87 -26.41
CA GLY D 8 31.58 5.90 -25.51
C GLY D 8 30.50 6.54 -24.68
N HIS D 9 29.27 6.01 -24.72
CA HIS D 9 28.15 6.54 -23.93
C HIS D 9 27.55 5.45 -23.04
N HIS D 10 26.88 5.86 -21.99
CA HIS D 10 26.27 4.95 -21.01
C HIS D 10 24.74 4.95 -21.02
N SER D 11 24.13 5.83 -21.81
CA SER D 11 22.69 6.00 -21.87
C SER D 11 22.36 6.87 -23.06
N VAL D 12 21.06 6.96 -23.35
CA VAL D 12 20.56 7.88 -24.35
C VAL D 12 19.54 8.79 -23.69
N THR D 13 19.61 10.08 -24.03
CA THR D 13 18.62 11.08 -23.67
C THR D 13 17.77 11.37 -24.91
N GLY D 14 16.53 10.93 -24.88
CA GLY D 14 15.55 11.17 -25.92
C GLY D 14 14.82 12.45 -25.59
N ARG D 15 14.97 13.47 -26.43
CA ARG D 15 14.46 14.80 -26.07
C ARG D 15 13.46 15.28 -27.10
N PRO D 16 12.15 15.24 -26.77
CA PRO D 16 11.14 15.74 -27.69
C PRO D 16 11.47 17.17 -28.16
N SER D 17 11.40 17.37 -29.48
CA SER D 17 11.69 18.67 -30.08
C SER D 17 10.48 19.33 -30.75
N VAL D 18 9.32 18.64 -30.75
CA VAL D 18 8.09 19.18 -31.38
C VAL D 18 7.12 19.64 -30.29
N ASN D 19 6.84 18.78 -29.31
CA ASN D 19 6.02 19.18 -28.17
C ASN D 19 6.93 19.81 -27.13
N GLY D 20 6.82 21.13 -27.01
CA GLY D 20 7.66 21.91 -26.11
C GLY D 20 7.35 21.76 -24.64
N LEU D 21 6.26 21.05 -24.31
CA LEU D 21 5.93 20.73 -22.92
C LEU D 21 6.27 19.30 -22.55
N ALA D 22 6.73 18.51 -23.51
CA ALA D 22 7.11 17.12 -23.23
C ALA D 22 8.54 17.09 -22.72
N LEU D 23 8.75 16.44 -21.59
CA LEU D 23 10.05 16.32 -20.96
C LEU D 23 10.81 15.11 -21.54
N ALA D 24 12.06 14.94 -21.10
CA ALA D 24 12.92 13.94 -21.71
C ALA D 24 12.59 12.53 -21.26
N GLU D 25 13.05 11.59 -22.08
CA GLU D 25 12.89 10.15 -21.91
C GLU D 25 14.31 9.59 -21.98
N TYR D 26 14.65 8.64 -21.12
CA TYR D 26 16.01 8.15 -20.99
C TYR D 26 16.04 6.65 -21.13
N VAL D 27 17.14 6.17 -21.72
CA VAL D 27 17.31 4.74 -21.90
C VAL D 27 18.67 4.32 -21.36
N ILE D 28 18.68 3.25 -20.57
CA ILE D 28 19.90 2.58 -20.16
C ILE D 28 19.90 1.17 -20.70
N TYR D 29 21.11 0.61 -20.83
CA TYR D 29 21.30 -0.69 -21.47
CA TYR D 29 21.30 -0.72 -21.44
C TYR D 29 21.89 -1.73 -20.49
N ARG D 30 21.95 -1.35 -19.21
CA ARG D 30 22.42 -2.21 -18.13
C ARG D 30 21.45 -2.00 -16.97
N GLY D 31 20.82 -3.08 -16.52
CA GLY D 31 19.85 -3.00 -15.41
C GLY D 31 20.47 -2.50 -14.12
N GLU D 32 21.77 -2.72 -13.95
CA GLU D 32 22.50 -2.26 -12.77
C GLU D 32 22.63 -0.73 -12.67
N GLN D 33 22.26 0.00 -13.74
CA GLN D 33 22.26 1.46 -13.73
C GLN D 33 20.98 2.09 -13.23
N ALA D 34 20.07 1.30 -12.66
CA ALA D 34 18.89 1.88 -12.02
C ALA D 34 18.58 1.15 -10.72
N TYR D 35 18.08 1.91 -9.75
CA TYR D 35 17.66 1.34 -8.48
C TYR D 35 16.24 1.87 -8.17
N PRO D 36 15.28 0.97 -7.90
CA PRO D 36 13.88 1.36 -7.67
C PRO D 36 13.65 1.88 -6.26
N GLU D 37 13.86 3.19 -6.11
N GLU D 37 13.87 3.17 -6.04
CA GLU D 37 13.89 3.87 -4.82
CA GLU D 37 13.90 3.71 -4.69
C GLU D 37 12.55 3.89 -4.10
C GLU D 37 12.54 3.99 -4.04
N TYR D 38 11.52 4.30 -4.83
CA TYR D 38 10.17 4.48 -4.30
C TYR D 38 9.16 3.74 -5.14
N LEU D 39 8.19 3.13 -4.45
CA LEU D 39 7.03 2.49 -5.06
C LEU D 39 5.81 3.35 -4.71
N ILE D 40 5.18 3.90 -5.73
CA ILE D 40 4.08 4.84 -5.58
C ILE D 40 2.80 4.15 -6.05
N THR D 41 1.80 4.07 -5.16
CA THR D 41 0.49 3.49 -5.47
C THR D 41 -0.50 4.63 -5.58
N TYR D 42 -1.27 4.67 -6.67
CA TYR D 42 -2.10 5.82 -6.98
C TYR D 42 -3.28 5.44 -7.86
N GLN D 43 -4.23 6.37 -7.97
CA GLN D 43 -5.26 6.34 -9.01
C GLN D 43 -5.09 7.59 -9.86
N ILE D 44 -5.43 7.48 -11.15
CA ILE D 44 -5.64 8.69 -11.93
C ILE D 44 -7.02 9.27 -11.54
N MET D 45 -7.15 10.60 -11.58
CA MET D 45 -8.40 11.25 -11.19
CA MET D 45 -8.38 11.31 -11.18
C MET D 45 -9.16 11.75 -12.40
N ARG D 46 -10.48 11.49 -12.41
CA ARG D 46 -11.36 11.97 -13.48
C ARG D 46 -11.44 13.49 -13.40
N PRO D 47 -11.11 14.21 -14.50
CA PRO D 47 -11.28 15.67 -14.45
C PRO D 47 -12.72 16.11 -14.14
N GLU D 48 -12.85 17.21 -13.41
CA GLU D 48 -14.16 17.78 -13.07
C GLU D 48 -14.71 18.56 -14.26
S SO4 E . 1.66 -5.58 3.97
S SO4 E . 1.88 -5.52 4.32
O1 SO4 E . 1.00 -5.39 5.29
O1 SO4 E . 2.48 -4.54 3.39
O2 SO4 E . 2.35 -4.36 3.55
O2 SO4 E . 0.42 -5.57 4.03
O3 SO4 E . 2.58 -6.74 4.03
O3 SO4 E . 2.45 -6.86 4.08
O4 SO4 E . 0.60 -5.87 2.97
O4 SO4 E . 2.03 -5.11 5.72
ZN ZN F . 8.03 -1.20 25.27
OAE 9CB G . -4.42 8.54 14.46
OAE 9CB G . -5.87 6.59 16.24
CAD 9CB G . -4.98 7.27 14.53
CAD 9CB G . -6.86 5.72 15.76
CAC 9CB G . -5.84 7.15 13.30
CAC 9CB G . -7.42 6.43 14.59
NAB 9CB G . -6.69 6.03 13.76
NAB 9CB G . -6.40 6.12 13.58
CAA 9CB G . -7.68 6.28 14.82
CAA 9CB G . -5.51 7.17 13.06
CAF 9CB G . -6.57 4.77 13.26
CAF 9CB G . -6.30 4.87 13.08
CAK 9CB G . -7.07 3.65 13.93
CAK 9CB G . -6.89 3.81 13.76
CAJ 9CB G . -6.95 2.37 13.39
CAJ 9CB G . -6.83 2.52 13.27
CAG 9CB G . -5.96 4.55 12.04
CAG 9CB G . -5.67 4.61 11.86
CAH 9CB G . -5.83 3.27 11.51
CAH 9CB G . -5.61 3.29 11.38
CAI 9CB G . -6.29 2.16 12.16
CAI 9CB G . -6.17 2.22 12.07
CAL 9CB G . -6.24 0.88 11.56
CAL 9CB G . -6.18 0.92 11.53
NAM 9CB G . -6.03 0.75 10.24
NAM 9CB G . -5.98 0.75 10.21
CAN 9CB G . -6.04 -0.46 9.65
CAN 9CB G . -6.03 -0.47 9.63
CAT 9CB G . -5.81 -0.56 8.27
CAT 9CB G . -5.79 -0.59 8.26
CAR 9CB G . -5.83 -1.81 7.65
CAR 9CB G . -5.85 -1.83 7.64
CL 9CB G . -5.51 -1.95 5.97
CL 9CB G . -5.54 -1.96 5.97
CAQ 9CB G . -6.11 -2.96 8.37
CAQ 9CB G . -6.16 -2.97 8.37
CAP 9CB G . -6.35 -2.87 9.74
CAP 9CB G . -6.39 -2.86 9.74
CAO 9CB G . -6.32 -1.63 10.39
CAO 9CB G . -6.33 -1.63 10.39
CAU 9CB G . -6.54 -1.53 11.78
CAU 9CB G . -6.54 -1.49 11.78
OAV 9CB G . -6.76 -2.49 12.53
OAV 9CB G . -6.79 -2.46 12.54
NAW 9CB G . -6.50 -0.25 12.33
NAW 9CB G . -6.46 -0.21 12.31
C1 GOL H . -3.14 -12.17 -4.92
O1 GOL H . -2.74 -11.98 -3.54
C2 GOL H . -2.65 -13.47 -5.56
O2 GOL H . -1.23 -13.43 -5.84
C3 GOL H . -3.40 -13.68 -6.88
O3 GOL H . -4.27 -14.81 -6.78
S SO4 I . 3.27 11.65 -26.28
S SO4 I . 2.65 11.35 -26.20
O1 SO4 I . 4.70 12.07 -26.39
O1 SO4 I . 1.48 10.48 -25.97
O2 SO4 I . 2.47 12.86 -25.98
O2 SO4 I . 2.22 12.77 -26.16
O3 SO4 I . 2.82 11.01 -27.54
O3 SO4 I . 3.23 11.04 -27.52
O4 SO4 I . 3.12 10.66 -25.19
O4 SO4 I . 3.66 11.13 -25.16
S SO4 J . -9.16 18.32 -12.18
O1 SO4 J . -8.42 19.25 -11.29
O2 SO4 J . -8.87 18.63 -13.58
O3 SO4 J . -8.77 16.92 -11.84
O4 SO4 J . -10.63 18.53 -12.02
ZN ZN K . -10.25 -1.04 -13.36
OAE 9CB L . 6.38 -5.93 -21.85
OAE 9CB L . 6.81 -6.19 -20.74
CAD 9CB L . 6.81 -4.85 -22.65
CAD 9CB L . 6.81 -5.13 -19.84
CAC 9CB L . 8.26 -4.70 -22.34
CAC 9CB L . 8.24 -4.68 -19.79
NAB 9CB L . 8.30 -3.97 -21.05
NAB 9CB L . 8.19 -3.77 -20.94
CAA 9CB L . 8.53 -4.73 -19.81
CAA 9CB L . 8.04 -4.32 -22.29
CAF 9CB L . 8.27 -2.61 -20.94
CAF 9CB L . 8.23 -2.43 -20.80
CAK 9CB L . 8.17 -1.77 -22.05
CAK 9CB L . 8.12 -1.60 -21.90
CAJ 9CB L . 8.17 -0.38 -21.87
CAJ 9CB L . 8.16 -0.22 -21.79
CAG 9CB L . 8.39 -2.03 -19.68
CAG 9CB L . 8.37 -1.86 -19.54
CAH 9CB L . 8.38 -0.64 -19.52
CAH 9CB L . 8.40 -0.46 -19.44
CAI 9CB L . 8.23 0.22 -20.61
CAI 9CB L . 8.26 0.37 -20.55
CAL 9CB L . 8.32 1.63 -20.47
CAL 9CB L . 8.37 1.76 -20.47
NAM 9CB L . 8.61 2.41 -21.54
NAM 9CB L . 8.64 2.50 -21.54
CAN 9CB L . 8.75 3.76 -21.41
CAN 9CB L . 8.78 3.84 -21.42
CAT 9CB L . 9.03 4.51 -22.55
CAT 9CB L . 9.04 4.58 -22.56
CAR 9CB L . 9.20 5.88 -22.46
CAR 9CB L . 9.22 5.94 -22.47
CL 9CB L . 9.50 6.83 -23.84
CL 9CB L . 9.50 6.86 -23.86
CAQ 9CB L . 9.12 6.51 -21.23
CAQ 9CB L . 9.16 6.59 -21.25
CAP 9CB L . 8.86 5.78 -20.08
CAP 9CB L . 8.91 5.86 -20.09
CAO 9CB L . 8.67 4.39 -20.16
CAO 9CB L . 8.72 4.49 -20.17
CAU 9CB L . 8.38 3.61 -19.02
CAU 9CB L . 8.44 3.71 -19.04
OAV 9CB L . 8.24 4.06 -17.86
OAV 9CB L . 8.33 4.15 -17.87
NAW 9CB L . 8.22 2.23 -19.20
NAW 9CB L . 8.29 2.36 -19.22
#